data_4O38
#
_entry.id   4O38
#
_cell.length_a   103.425
_cell.length_b   103.425
_cell.length_c   131.951
_cell.angle_alpha   90.00
_cell.angle_beta   90.00
_cell.angle_gamma   120.00
#
_symmetry.space_group_name_H-M   'P 32 2 1'
#
loop_
_entity.id
_entity.type
_entity.pdbx_description
1 polymer 'Cyclin-G-associated kinase'
2 non-polymer 'SUCCINIC ACID'
3 non-polymer GLYCEROL
4 water water
#
_entity_poly.entity_id   1
_entity_poly.type   'polypeptide(L)'
_entity_poly.pdbx_seq_one_letter_code
;S(MSE)AGPGSLGGASGRDQSDFVGQTVELGELRLRVRRVLAEGGFAFVYEAQDVGSGREYALKRLLSNEEEKNRAIIQE
VCF(MSE)KKLSGHPNIVQFCSAASIGKEESDTGQAEFLLLTELCKGQLVEFLKK(MSE)ESRGPLSCDTVLKIFYQTCR
AVQH(MSE)HRQKPPIIHRDLKVENLLLSNQGTIKLCDFGSATTISHYPDYSWSAQRRALVEEEITRNTTP(MSE)YRTP
EIIDLYSNFPIGEKQDIWALGCILYLLCFRQHPFEDGAKLRIVNGKYSIPPHDTQYTVFHSLIRA(MSE)LQVNPEERLS
IAEVVHQLQEIAAARNVNPKSPITELLEQNGGYGSATLSRGP
;
_entity_poly.pdbx_strand_id   A,B
#
# COMPACT_ATOMS: atom_id res chain seq x y z
N GLN A 16 8.72 12.14 26.99
CA GLN A 16 8.57 10.78 27.59
C GLN A 16 9.54 9.80 26.94
N SER A 17 10.75 9.66 27.52
CA SER A 17 11.71 8.58 27.15
C SER A 17 12.38 7.92 28.39
N ASP A 18 11.61 7.03 29.01
CA ASP A 18 12.10 6.10 30.03
C ASP A 18 13.10 5.09 29.41
N PHE A 19 13.25 5.15 28.09
CA PHE A 19 13.90 4.08 27.35
C PHE A 19 15.42 4.23 27.41
N VAL A 20 15.89 5.48 27.46
CA VAL A 20 17.30 5.77 27.60
C VAL A 20 17.76 5.14 28.91
N GLY A 21 18.89 4.41 28.86
CA GLY A 21 19.42 3.71 30.04
C GLY A 21 19.07 2.22 30.09
N GLN A 22 18.07 1.79 29.34
CA GLN A 22 17.75 0.36 29.28
C GLN A 22 18.67 -0.42 28.40
N THR A 23 18.61 -1.73 28.54
CA THR A 23 19.35 -2.60 27.69
C THR A 23 18.33 -3.45 26.96
N VAL A 24 18.53 -3.65 25.67
CA VAL A 24 17.51 -4.32 24.86
C VAL A 24 18.21 -5.48 24.17
N GLU A 25 17.65 -6.66 24.27
CA GLU A 25 18.22 -7.80 23.61
C GLU A 25 17.56 -8.04 22.22
N LEU A 26 18.36 -8.16 21.20
CA LEU A 26 17.93 -8.49 19.82
C LEU A 26 18.85 -9.61 19.31
N GLY A 27 18.39 -10.81 19.36
CA GLY A 27 19.20 -12.01 19.06
C GLY A 27 20.43 -12.00 19.94
N GLU A 28 21.60 -12.01 19.33
CA GLU A 28 22.82 -12.04 20.05
C GLU A 28 23.23 -10.65 20.54
N LEU A 29 22.58 -9.61 20.04
CA LEU A 29 22.93 -8.26 20.47
C LEU A 29 22.32 -7.93 21.83
N ARG A 30 23.10 -7.25 22.63
CA ARG A 30 22.67 -6.67 23.90
C ARG A 30 22.96 -5.19 23.85
N LEU A 31 21.92 -4.43 23.56
CA LEU A 31 22.07 -3.06 23.15
C LEU A 31 21.78 -2.08 24.30
N ARG A 32 22.80 -1.36 24.75
CA ARG A 32 22.60 -0.25 25.67
C ARG A 32 22.05 0.97 24.92
N VAL A 33 20.92 1.48 25.40
CA VAL A 33 20.26 2.63 24.80
C VAL A 33 20.87 3.88 25.42
N ARG A 34 21.76 4.54 24.65
CA ARG A 34 22.61 5.60 25.17
C ARG A 34 21.91 6.96 25.23
N ARG A 35 21.12 7.34 24.21
CA ARG A 35 20.46 8.66 24.20
C ARG A 35 19.52 8.79 23.02
N VAL A 36 18.68 9.82 23.05
CA VAL A 36 17.76 10.09 21.96
C VAL A 36 18.46 10.84 20.88
N LEU A 37 18.22 10.44 19.62
CA LEU A 37 18.78 11.15 18.46
C LEU A 37 17.70 11.94 17.73
N ALA A 38 16.47 11.41 17.71
CA ALA A 38 15.37 12.02 16.93
C ALA A 38 14.03 11.50 17.41
N GLU A 39 12.96 12.25 17.17
CA GLU A 39 11.64 11.90 17.71
C GLU A 39 10.49 12.42 16.83
N GLY A 40 9.26 12.14 17.27
CA GLY A 40 8.10 12.51 16.49
C GLY A 40 6.92 11.64 16.88
N GLY A 41 5.98 11.55 15.95
CA GLY A 41 4.68 10.97 16.23
C GLY A 41 4.79 9.46 16.34
N PHE A 42 5.01 8.83 15.20
CA PHE A 42 5.21 7.38 15.17
C PHE A 42 6.22 6.89 16.21
N ALA A 43 7.37 7.59 16.24
CA ALA A 43 8.60 6.95 16.63
C ALA A 43 9.68 7.86 17.24
N PHE A 44 10.52 7.25 18.06
CA PHE A 44 11.77 7.84 18.54
C PHE A 44 12.95 7.04 17.96
N VAL A 45 14.07 7.71 17.74
CA VAL A 45 15.33 7.09 17.31
C VAL A 45 16.38 7.34 18.37
N TYR A 46 17.06 6.26 18.76
CA TYR A 46 18.08 6.27 19.80
C TYR A 46 19.44 5.82 19.29
N GLU A 47 20.48 6.25 19.97
CA GLU A 47 21.81 5.71 19.78
C GLU A 47 21.93 4.51 20.68
N ALA A 48 22.37 3.40 20.11
CA ALA A 48 22.54 2.15 20.86
C ALA A 48 23.89 1.51 20.63
N GLN A 49 24.42 0.86 21.67
CA GLN A 49 25.72 0.21 21.59
C GLN A 49 25.65 -1.25 22.06
N ASP A 50 26.10 -2.15 21.23
CA ASP A 50 26.13 -3.57 21.56
C ASP A 50 27.21 -3.86 22.56
N VAL A 51 26.85 -4.42 23.70
CA VAL A 51 27.82 -4.71 24.76
C VAL A 51 28.91 -5.71 24.33
N GLY A 52 28.50 -6.83 23.74
CA GLY A 52 29.43 -7.87 23.32
C GLY A 52 30.46 -7.49 22.23
N SER A 53 30.16 -6.47 21.43
CA SER A 53 31.02 -6.10 20.30
C SER A 53 31.52 -4.67 20.27
N GLY A 54 30.91 -3.79 21.05
CA GLY A 54 31.12 -2.37 20.93
C GLY A 54 30.54 -1.68 19.71
N ARG A 55 29.87 -2.39 18.84
CA ARG A 55 29.32 -1.78 17.62
C ARG A 55 28.18 -0.83 18.03
N GLU A 56 28.05 0.25 17.29
CA GLU A 56 27.05 1.26 17.52
C GLU A 56 25.99 1.21 16.42
N TYR A 57 24.75 1.50 16.78
CA TYR A 57 23.63 1.41 15.84
C TYR A 57 22.66 2.62 16.11
N ALA A 58 21.80 2.90 15.15
CA ALA A 58 20.56 3.64 15.40
C ALA A 58 19.44 2.63 15.67
N LEU A 59 18.71 2.88 16.73
CA LEU A 59 17.58 2.04 17.12
C LEU A 59 16.32 2.88 17.08
N LYS A 60 15.43 2.56 16.17
CA LYS A 60 14.14 3.21 16.08
C LYS A 60 13.09 2.39 16.79
N ARG A 61 12.32 3.04 17.65
CA ARG A 61 11.29 2.37 18.39
C ARG A 61 9.94 2.95 17.97
N LEU A 62 9.08 2.10 17.40
CA LEU A 62 7.78 2.53 16.87
C LEU A 62 6.71 1.86 17.69
N LEU A 63 5.81 2.65 18.26
CA LEU A 63 4.74 2.13 19.12
C LEU A 63 3.42 2.13 18.37
N SER A 64 2.59 1.12 18.57
CA SER A 64 1.33 1.08 17.87
C SER A 64 0.24 0.54 18.77
N ASN A 65 -0.88 1.20 18.68
CA ASN A 65 -2.08 0.78 19.37
C ASN A 65 -3.14 0.38 18.36
N GLU A 66 -2.82 0.32 17.07
CA GLU A 66 -3.86 0.03 16.09
C GLU A 66 -3.33 -0.73 14.87
N GLU A 67 -4.20 -1.51 14.27
CA GLU A 67 -3.75 -2.40 13.22
C GLU A 67 -3.26 -1.65 11.97
N GLU A 68 -3.83 -0.48 11.65
CA GLU A 68 -3.41 0.30 10.48
CA GLU A 68 -3.41 0.31 10.48
C GLU A 68 -1.96 0.75 10.67
N LYS A 69 -1.64 1.11 11.89
CA LYS A 69 -0.29 1.52 12.23
C LYS A 69 0.66 0.31 12.23
N ASN A 70 0.22 -0.84 12.73
CA ASN A 70 1.02 -2.07 12.61
C ASN A 70 1.40 -2.29 11.17
N ARG A 71 0.44 -2.12 10.28
CA ARG A 71 0.70 -2.37 8.86
C ARG A 71 1.74 -1.39 8.35
N ALA A 72 1.58 -0.11 8.68
CA ALA A 72 2.51 0.91 8.15
C ALA A 72 3.95 0.68 8.68
N ILE A 73 4.06 0.26 9.94
CA ILE A 73 5.31 -0.02 10.53
C ILE A 73 6.01 -1.21 9.89
N ILE A 74 5.30 -2.31 9.77
CA ILE A 74 5.88 -3.50 9.16
C ILE A 74 6.25 -3.21 7.69
N GLN A 75 5.45 -2.39 7.03
CA GLN A 75 5.76 -2.00 5.67
C GLN A 75 7.09 -1.22 5.62
N GLU A 76 7.29 -0.32 6.58
CA GLU A 76 8.51 0.43 6.65
C GLU A 76 9.68 -0.45 6.83
N VAL A 77 9.58 -1.36 7.76
CA VAL A 77 10.64 -2.36 7.98
C VAL A 77 10.93 -3.15 6.69
N CYS A 78 9.90 -3.54 5.94
CA CYS A 78 10.12 -4.37 4.74
C CYS A 78 10.86 -3.51 3.68
N PHE A 79 10.54 -2.24 3.57
CA PHE A 79 11.22 -1.40 2.62
C PHE A 79 12.70 -1.19 3.04
N LYS A 81 14.59 -3.18 4.75
CA LYS A 81 15.30 -4.42 4.45
C LYS A 81 15.51 -4.63 2.93
N LYS A 82 14.50 -4.34 2.14
CA LYS A 82 14.62 -4.52 0.70
C LYS A 82 15.70 -3.56 0.11
N LEU A 83 15.76 -2.32 0.60
CA LEU A 83 16.65 -1.29 0.00
C LEU A 83 18.06 -1.31 0.57
N SER A 84 18.27 -1.98 1.68
CA SER A 84 19.57 -2.05 2.31
C SER A 84 20.59 -2.71 1.36
N GLY A 85 21.85 -2.34 1.50
CA GLY A 85 22.85 -2.79 0.60
C GLY A 85 23.34 -1.70 -0.38
N HIS A 86 22.55 -0.70 -0.68
CA HIS A 86 22.99 0.37 -1.55
C HIS A 86 23.85 1.39 -0.77
N PRO A 87 24.91 1.97 -1.41
CA PRO A 87 25.82 2.84 -0.64
C PRO A 87 25.13 4.12 -0.13
N ASN A 88 24.03 4.51 -0.71
CA ASN A 88 23.34 5.72 -0.21
C ASN A 88 22.02 5.48 0.56
N ILE A 89 21.86 4.26 1.04
CA ILE A 89 20.70 3.87 1.88
C ILE A 89 21.22 3.40 3.24
N VAL A 90 20.59 3.79 4.36
CA VAL A 90 21.12 3.29 5.63
C VAL A 90 21.07 1.76 5.63
N GLN A 91 22.04 1.14 6.22
CA GLN A 91 22.09 -0.31 6.27
C GLN A 91 21.14 -0.87 7.33
N PHE A 92 20.26 -1.77 6.91
CA PHE A 92 19.39 -2.50 7.82
C PHE A 92 20.17 -3.56 8.58
N CYS A 93 19.97 -3.68 9.88
CA CYS A 93 20.70 -4.66 10.68
C CYS A 93 19.74 -5.69 11.26
N SER A 94 18.66 -5.25 11.89
CA SER A 94 17.73 -6.21 12.49
C SER A 94 16.42 -5.54 12.85
N ALA A 95 15.40 -6.34 13.10
CA ALA A 95 14.14 -5.84 13.56
C ALA A 95 13.46 -6.81 14.47
N ALA A 96 12.64 -6.30 15.38
CA ALA A 96 11.99 -7.13 16.38
C ALA A 96 10.75 -6.45 16.90
N SER A 97 9.89 -7.23 17.57
CA SER A 97 8.62 -6.75 18.11
C SER A 97 8.38 -7.24 19.51
N ILE A 98 7.73 -6.42 20.31
CA ILE A 98 7.21 -6.80 21.61
C ILE A 98 5.66 -6.67 21.53
N GLY A 99 4.96 -7.75 21.81
CA GLY A 99 3.47 -7.72 21.92
C GLY A 99 2.97 -6.73 22.98
N LYS A 100 1.77 -6.23 22.77
CA LYS A 100 1.11 -5.22 23.64
C LYS A 100 1.13 -5.53 25.14
N GLU A 101 0.82 -6.78 25.47
CA GLU A 101 0.77 -7.24 26.85
C GLU A 101 2.16 -7.39 27.46
N GLU A 102 3.11 -7.95 26.71
CA GLU A 102 4.47 -8.13 27.26
C GLU A 102 5.31 -6.84 27.20
N SER A 103 4.76 -5.76 26.63
CA SER A 103 5.50 -4.49 26.53
C SER A 103 5.23 -3.59 27.72
N ASP A 104 6.21 -2.76 28.02
CA ASP A 104 6.09 -1.76 29.08
C ASP A 104 5.24 -0.55 28.72
N THR A 105 4.81 -0.43 27.47
CA THR A 105 4.04 0.73 27.05
C THR A 105 2.56 0.45 27.08
N GLY A 106 2.19 -0.83 27.18
CA GLY A 106 0.83 -1.25 26.89
C GLY A 106 0.47 -1.06 25.42
N GLN A 107 1.48 -1.05 24.54
CA GLN A 107 1.28 -0.98 23.08
C GLN A 107 2.15 -1.96 22.34
N ALA A 108 1.80 -2.28 21.09
CA ALA A 108 2.70 -3.06 20.28
C ALA A 108 3.97 -2.20 20.13
N GLU A 109 5.12 -2.84 20.22
CA GLU A 109 6.39 -2.13 20.21
C GLU A 109 7.23 -2.76 19.12
N PHE A 110 7.70 -1.95 18.18
CA PHE A 110 8.54 -2.41 17.12
C PHE A 110 9.90 -1.74 17.20
N LEU A 111 10.95 -2.52 16.99
CA LEU A 111 12.30 -2.08 17.15
C LEU A 111 12.98 -2.31 15.82
N LEU A 112 13.53 -1.23 15.25
CA LEU A 112 14.23 -1.32 13.94
CA LEU A 112 14.20 -1.29 13.96
C LEU A 112 15.65 -0.85 14.12
N LEU A 113 16.58 -1.75 13.89
CA LEU A 113 18.00 -1.48 14.15
C LEU A 113 18.72 -1.27 12.85
N THR A 114 19.36 -0.11 12.70
CA THR A 114 20.13 0.19 11.52
C THR A 114 21.52 0.76 11.84
N GLU A 115 22.30 0.97 10.80
CA GLU A 115 23.57 1.69 10.84
C GLU A 115 23.42 3.06 11.54
N LEU A 116 24.40 3.44 12.37
CA LEU A 116 24.40 4.73 12.99
C LEU A 116 25.14 5.71 12.07
N CYS A 117 24.48 6.77 11.70
CA CYS A 117 25.13 7.79 10.86
C CYS A 117 25.73 8.87 11.74
N LYS A 118 26.45 9.77 11.12
CA LYS A 118 27.12 10.84 11.83
C LYS A 118 26.10 11.86 12.32
N GLY A 119 25.06 12.07 11.54
CA GLY A 119 24.01 13.01 11.93
C GLY A 119 23.18 13.41 10.73
N GLN A 120 22.27 14.34 10.95
CA GLN A 120 21.38 14.82 9.91
C GLN A 120 22.11 15.77 9.04
N LEU A 121 21.94 15.63 7.74
CA LEU A 121 22.66 16.48 6.80
C LEU A 121 22.49 17.96 7.11
N VAL A 122 21.27 18.38 7.42
CA VAL A 122 21.03 19.83 7.63
C VAL A 122 21.77 20.40 8.82
N GLU A 123 22.07 19.58 9.82
CA GLU A 123 22.95 20.01 10.89
C GLU A 123 24.30 20.43 10.35
N PHE A 124 24.87 19.66 9.43
CA PHE A 124 26.17 19.97 8.89
C PHE A 124 26.12 21.19 7.95
N LEU A 125 25.01 21.35 7.23
CA LEU A 125 24.86 22.49 6.35
C LEU A 125 24.78 23.77 7.16
N LYS A 126 24.06 23.75 8.29
CA LYS A 126 24.02 24.90 9.19
C LYS A 126 25.39 25.39 9.58
N LYS A 127 26.28 24.48 9.98
CA LYS A 127 27.65 24.83 10.36
C LYS A 127 28.40 25.51 9.21
N GLU A 129 27.12 27.43 6.97
CA GLU A 129 26.58 28.72 6.58
C GLU A 129 27.60 29.81 6.83
N SER A 130 28.30 29.73 7.96
CA SER A 130 29.27 30.74 8.34
C SER A 130 30.32 30.91 7.25
N ARG A 131 30.62 29.84 6.53
CA ARG A 131 31.66 29.90 5.50
C ARG A 131 31.14 30.34 4.13
N GLY A 132 29.86 30.68 4.02
CA GLY A 132 29.32 31.17 2.76
C GLY A 132 28.58 30.10 1.97
N PRO A 133 28.24 30.42 0.73
CA PRO A 133 27.46 29.48 -0.07
C PRO A 133 28.22 28.17 -0.28
N LEU A 134 27.52 27.06 -0.41
CA LEU A 134 28.20 25.80 -0.68
C LEU A 134 28.86 25.88 -2.07
N SER A 135 30.02 25.26 -2.23
CA SER A 135 30.65 25.16 -3.58
C SER A 135 29.77 24.29 -4.49
N CYS A 136 29.88 24.49 -5.79
CA CYS A 136 29.15 23.65 -6.71
C CYS A 136 29.57 22.18 -6.56
N ASP A 137 30.84 21.90 -6.19
CA ASP A 137 31.26 20.50 -6.03
C ASP A 137 30.50 19.82 -4.86
N THR A 138 30.28 20.55 -3.78
CA THR A 138 29.62 20.01 -2.61
C THR A 138 28.16 19.77 -2.90
N VAL A 139 27.50 20.75 -3.54
CA VAL A 139 26.14 20.59 -4.01
C VAL A 139 26.03 19.36 -4.93
N LEU A 140 26.94 19.28 -5.89
CA LEU A 140 26.97 18.15 -6.80
C LEU A 140 27.00 16.81 -6.05
N LYS A 141 27.89 16.67 -5.08
CA LYS A 141 28.06 15.38 -4.40
C LYS A 141 26.87 15.04 -3.53
N ILE A 142 26.36 16.04 -2.81
CA ILE A 142 25.18 15.80 -1.98
C ILE A 142 24.02 15.34 -2.86
N PHE A 143 23.79 16.07 -3.94
CA PHE A 143 22.63 15.83 -4.76
C PHE A 143 22.75 14.53 -5.55
N TYR A 144 23.94 14.28 -6.08
CA TYR A 144 24.16 13.02 -6.79
C TYR A 144 23.89 11.82 -5.86
N GLN A 145 24.40 11.87 -4.65
CA GLN A 145 24.29 10.72 -3.76
C GLN A 145 22.85 10.52 -3.33
N THR A 146 22.11 11.62 -3.16
CA THR A 146 20.69 11.54 -2.90
C THR A 146 19.93 10.94 -4.07
N CYS A 147 20.24 11.41 -5.27
CA CYS A 147 19.54 10.90 -6.48
C CYS A 147 19.87 9.45 -6.74
N ARG A 148 21.08 9.04 -6.41
CA ARG A 148 21.47 7.64 -6.58
C ARG A 148 20.65 6.69 -5.68
N ALA A 149 20.39 7.13 -4.46
CA ALA A 149 19.49 6.39 -3.58
C ALA A 149 18.10 6.26 -4.17
N VAL A 150 17.56 7.39 -4.66
CA VAL A 150 16.23 7.41 -5.23
C VAL A 150 16.22 6.53 -6.49
N GLN A 151 17.27 6.62 -7.30
CA GLN A 151 17.39 5.72 -8.46
C GLN A 151 17.29 4.23 -8.12
N HIS A 152 17.91 3.83 -7.04
CA HIS A 152 17.84 2.46 -6.57
C HIS A 152 16.39 2.10 -6.22
N HIS A 154 13.63 3.58 -7.59
CA HIS A 154 12.78 3.65 -8.79
C HIS A 154 13.09 2.51 -9.77
N ARG A 155 14.26 1.96 -9.68
CA ARG A 155 14.67 0.82 -10.54
C ARG A 155 14.15 -0.51 -10.05
N GLN A 156 13.62 -0.60 -8.85
CA GLN A 156 13.05 -1.85 -8.44
C GLN A 156 11.90 -2.21 -9.37
N LYS A 157 11.53 -3.49 -9.34
CA LYS A 157 10.50 -4.01 -10.25
C LYS A 157 9.52 -4.68 -9.39
N PRO A 158 8.41 -4.01 -9.06
CA PRO A 158 7.99 -2.67 -9.48
C PRO A 158 8.69 -1.52 -8.72
N PRO A 159 8.66 -0.30 -9.25
CA PRO A 159 9.36 0.80 -8.58
C PRO A 159 8.84 1.08 -7.16
N ILE A 160 9.74 1.49 -6.28
CA ILE A 160 9.39 1.91 -4.93
C ILE A 160 9.46 3.43 -4.95
N ILE A 161 8.36 4.07 -4.54
CA ILE A 161 8.20 5.53 -4.59
C ILE A 161 8.35 6.00 -3.16
N HIS A 162 9.17 7.03 -2.93
CA HIS A 162 9.49 7.47 -1.59
C HIS A 162 8.40 8.33 -0.92
N ARG A 163 7.99 9.36 -1.65
CA ARG A 163 6.86 10.22 -1.34
C ARG A 163 7.10 11.23 -0.22
N ASP A 164 8.26 11.23 0.37
CA ASP A 164 8.51 12.22 1.41
C ASP A 164 9.96 12.73 1.33
N LEU A 165 10.48 12.95 0.12
CA LEU A 165 11.90 13.37 -0.03
C LEU A 165 12.06 14.80 0.39
N LYS A 166 12.94 15.03 1.35
CA LYS A 166 13.15 16.37 1.93
C LYS A 166 14.57 16.43 2.43
N VAL A 167 15.16 17.62 2.39
CA VAL A 167 16.55 17.78 2.82
CA VAL A 167 16.53 17.79 2.81
C VAL A 167 16.73 17.47 4.28
N GLU A 168 15.72 17.81 5.11
CA GLU A 168 15.76 17.53 6.56
C GLU A 168 15.79 16.11 6.93
N ASN A 169 15.45 15.18 6.04
CA ASN A 169 15.47 13.76 6.37
C ASN A 169 16.77 13.05 5.92
N LEU A 170 17.63 13.72 5.13
CA LEU A 170 18.87 13.10 4.66
C LEU A 170 19.87 13.00 5.81
N LEU A 171 20.62 11.90 5.87
CA LEU A 171 21.68 11.71 6.84
C LEU A 171 23.04 11.75 6.18
N LEU A 172 24.04 12.10 6.96
CA LEU A 172 25.42 11.97 6.57
C LEU A 172 26.06 10.81 7.30
N SER A 173 26.71 9.88 6.56
CA SER A 173 27.29 8.73 7.15
C SER A 173 28.57 9.09 7.85
N ASN A 174 29.09 8.15 8.60
CA ASN A 174 30.41 8.30 9.15
C ASN A 174 31.50 8.41 8.10
N GLN A 175 31.25 7.95 6.88
CA GLN A 175 32.27 8.14 5.80
C GLN A 175 32.07 9.43 5.04
N GLY A 176 31.11 10.26 5.44
CA GLY A 176 30.86 11.52 4.74
C GLY A 176 30.05 11.35 3.45
N THR A 177 29.18 10.36 3.39
CA THR A 177 28.30 10.17 2.21
C THR A 177 26.84 10.27 2.65
N ILE A 178 25.94 10.51 1.70
CA ILE A 178 24.56 10.78 2.00
C ILE A 178 23.85 9.45 2.15
N LYS A 179 23.01 9.34 3.14
CA LYS A 179 22.18 8.15 3.30
C LYS A 179 20.70 8.54 3.46
N LEU A 180 19.82 7.86 2.76
CA LEU A 180 18.38 7.94 2.97
C LEU A 180 17.96 6.96 3.99
N CYS A 181 17.05 7.36 4.87
CA CYS A 181 16.60 6.49 5.96
C CYS A 181 15.13 6.44 6.31
N ASP A 182 14.28 7.21 5.67
CA ASP A 182 12.89 7.46 6.10
CA ASP A 182 12.85 7.27 6.18
C ASP A 182 11.89 6.86 5.11
N PHE A 183 11.54 5.60 5.22
CA PHE A 183 10.71 4.91 4.26
C PHE A 183 9.29 4.72 4.77
N GLY A 184 8.92 5.52 5.76
CA GLY A 184 7.58 5.49 6.38
C GLY A 184 6.49 5.99 5.49
N SER A 185 6.81 6.69 4.41
CA SER A 185 5.74 7.14 3.51
C SER A 185 5.82 6.44 2.17
N ALA A 186 6.77 5.53 2.01
CA ALA A 186 6.98 4.90 0.71
C ALA A 186 5.84 3.97 0.32
N THR A 187 5.69 3.73 -0.97
CA THR A 187 4.71 2.80 -1.48
C THR A 187 5.21 2.14 -2.78
N THR A 188 4.57 1.04 -3.13
CA THR A 188 4.85 0.34 -4.41
C THR A 188 3.56 -0.44 -4.78
N ILE A 189 3.65 -1.37 -5.71
CA ILE A 189 2.57 -2.23 -6.05
C ILE A 189 2.89 -3.65 -5.58
N SER A 190 1.97 -4.25 -4.83
CA SER A 190 2.11 -5.65 -4.46
C SER A 190 1.56 -6.60 -5.54
N HIS A 191 2.14 -7.81 -5.58
CA HIS A 191 1.72 -8.95 -6.40
C HIS A 191 1.86 -8.67 -7.86
N TYR A 192 2.94 -7.98 -8.16
CA TYR A 192 3.27 -7.58 -9.52
C TYR A 192 3.64 -8.82 -10.40
N PRO A 193 3.11 -8.90 -11.65
CA PRO A 193 3.17 -10.22 -12.32
C PRO A 193 4.59 -10.77 -12.61
N LEU A 225 3.54 -5.54 -19.58
CA LEU A 225 2.33 -4.86 -20.04
C LEU A 225 2.06 -3.54 -19.27
N TYR A 226 2.87 -3.23 -18.26
CA TYR A 226 2.56 -2.14 -17.31
C TYR A 226 3.76 -1.22 -16.95
N SER A 227 4.98 -1.63 -17.26
CA SER A 227 6.17 -0.86 -16.88
C SER A 227 6.29 0.53 -17.52
N ASN A 228 5.46 0.84 -18.52
CA ASN A 228 5.43 2.21 -19.04
C ASN A 228 4.72 3.26 -18.23
N PHE A 229 3.85 2.90 -17.28
CA PHE A 229 3.12 3.95 -16.60
C PHE A 229 3.91 4.45 -15.42
N PRO A 230 4.01 5.77 -15.26
CA PRO A 230 4.48 6.29 -14.01
C PRO A 230 3.49 5.94 -12.89
N ILE A 231 4.00 5.67 -11.71
CA ILE A 231 3.16 5.34 -10.55
C ILE A 231 3.53 6.18 -9.32
N GLY A 232 4.18 7.32 -9.51
CA GLY A 232 4.61 8.17 -8.40
C GLY A 232 6.02 8.74 -8.55
N GLU A 233 6.79 8.23 -9.51
CA GLU A 233 8.18 8.69 -9.69
C GLU A 233 8.26 10.19 -9.90
N LYS A 234 7.27 10.75 -10.60
CA LYS A 234 7.36 12.17 -11.00
C LYS A 234 7.24 13.12 -9.82
N GLN A 235 6.46 12.74 -8.83
CA GLN A 235 6.40 13.53 -7.60
C GLN A 235 7.70 13.42 -6.79
N ASP A 236 8.35 12.26 -6.81
CA ASP A 236 9.70 12.21 -6.20
C ASP A 236 10.70 13.13 -6.96
N ILE A 237 10.61 13.17 -8.28
CA ILE A 237 11.46 14.05 -9.07
C ILE A 237 11.26 15.50 -8.66
N TRP A 238 10.02 15.92 -8.54
CA TRP A 238 9.73 17.31 -8.12
C TRP A 238 10.32 17.60 -6.76
N ALA A 239 10.14 16.68 -5.82
CA ALA A 239 10.69 16.84 -4.49
C ALA A 239 12.21 16.94 -4.50
N LEU A 240 12.86 16.19 -5.37
CA LEU A 240 14.31 16.26 -5.51
C LEU A 240 14.73 17.62 -6.11
N GLY A 241 13.95 18.11 -7.08
CA GLY A 241 14.22 19.44 -7.66
C GLY A 241 14.20 20.54 -6.60
N CYS A 242 13.26 20.43 -5.66
CA CYS A 242 13.19 21.32 -4.51
C CYS A 242 14.42 21.23 -3.66
N ILE A 243 14.93 20.02 -3.44
CA ILE A 243 16.19 19.85 -2.72
C ILE A 243 17.37 20.52 -3.40
N LEU A 244 17.52 20.32 -4.71
CA LEU A 244 18.60 20.95 -5.43
C LEU A 244 18.53 22.49 -5.33
N TYR A 245 17.35 23.03 -5.56
CA TYR A 245 17.12 24.46 -5.44
C TYR A 245 17.54 24.95 -4.03
N LEU A 246 17.05 24.26 -3.00
CA LEU A 246 17.38 24.59 -1.61
C LEU A 246 18.91 24.51 -1.32
N LEU A 247 19.59 23.51 -1.85
CA LEU A 247 21.02 23.41 -1.61
C LEU A 247 21.78 24.60 -2.25
N CYS A 248 21.36 25.03 -3.44
CA CYS A 248 21.99 26.14 -4.11
C CYS A 248 21.64 27.49 -3.50
N PHE A 249 20.36 27.72 -3.31
CA PHE A 249 19.85 29.08 -2.97
C PHE A 249 19.32 29.21 -1.52
N ARG A 250 19.29 28.10 -0.77
CA ARG A 250 19.12 28.15 0.72
C ARG A 250 17.74 28.61 1.14
N GLN A 251 16.79 28.44 0.23
CA GLN A 251 15.39 28.62 0.52
C GLN A 251 14.64 27.66 -0.39
N HIS A 252 13.45 27.31 0.03
CA HIS A 252 12.62 26.37 -0.70
C HIS A 252 12.00 27.19 -1.83
N PRO A 253 11.91 26.62 -3.02
CA PRO A 253 11.41 27.40 -4.15
C PRO A 253 9.89 27.77 -4.07
N PHE A 254 9.14 27.18 -3.16
CA PHE A 254 7.69 27.49 -3.09
C PHE A 254 7.19 27.91 -1.71
N TYR A 267 7.63 29.42 -8.84
CA TYR A 267 9.03 29.58 -8.38
C TYR A 267 9.82 30.45 -9.35
N SER A 268 11.12 30.56 -9.08
CA SER A 268 12.03 31.24 -9.97
C SER A 268 13.50 31.09 -9.54
N ILE A 269 14.37 30.67 -10.46
CA ILE A 269 15.82 30.74 -10.21
C ILE A 269 16.22 32.21 -10.02
N PRO A 270 16.97 32.52 -8.96
CA PRO A 270 17.34 33.91 -8.71
C PRO A 270 18.07 34.57 -9.89
N PRO A 271 17.53 35.71 -10.39
CA PRO A 271 18.02 36.32 -11.62
C PRO A 271 19.49 36.66 -11.62
N HIS A 272 20.06 36.95 -10.45
CA HIS A 272 21.45 37.36 -10.41
C HIS A 272 22.43 36.23 -10.15
N ASP A 273 21.94 35.00 -9.95
CA ASP A 273 22.88 33.89 -9.72
C ASP A 273 23.79 33.62 -10.92
N THR A 274 25.10 33.63 -10.69
CA THR A 274 26.06 33.11 -11.65
C THR A 274 26.93 31.98 -11.07
N GLN A 275 26.77 31.65 -9.80
CA GLN A 275 27.57 30.59 -9.22
C GLN A 275 27.04 29.18 -9.61
N TYR A 276 25.71 28.99 -9.56
CA TYR A 276 25.08 27.67 -9.65
C TYR A 276 24.50 27.43 -11.03
N THR A 277 24.93 28.22 -12.00
CA THR A 277 24.45 28.13 -13.39
C THR A 277 24.47 26.72 -13.93
N VAL A 278 25.48 25.96 -13.56
CA VAL A 278 25.67 24.61 -14.07
C VAL A 278 24.44 23.74 -13.72
N PHE A 279 23.71 24.15 -12.68
CA PHE A 279 22.52 23.38 -12.21
C PHE A 279 21.18 23.91 -12.72
N HIS A 280 21.16 25.09 -13.36
CA HIS A 280 19.91 25.77 -13.67
C HIS A 280 18.98 24.91 -14.52
N SER A 281 19.48 24.26 -15.57
CA SER A 281 18.54 23.56 -16.44
C SER A 281 17.99 22.33 -15.74
N LEU A 282 18.81 21.66 -14.93
CA LEU A 282 18.36 20.49 -14.21
C LEU A 282 17.28 20.92 -13.21
N ILE A 283 17.49 21.99 -12.46
CA ILE A 283 16.42 22.53 -11.63
C ILE A 283 15.13 22.73 -12.42
N ARG A 284 15.21 23.41 -13.55
CA ARG A 284 14.03 23.69 -14.35
C ARG A 284 13.40 22.43 -14.91
N ALA A 285 14.22 21.49 -15.35
CA ALA A 285 13.69 20.26 -15.91
C ALA A 285 13.00 19.37 -14.84
N LEU A 287 11.50 20.62 -12.00
CA LEU A 287 10.41 21.39 -11.43
C LEU A 287 9.34 21.80 -12.47
N GLN A 288 9.28 21.11 -13.61
CA GLN A 288 8.19 21.29 -14.58
C GLN A 288 6.82 21.11 -13.93
N VAL A 289 5.90 22.01 -14.22
CA VAL A 289 4.56 21.96 -13.62
C VAL A 289 3.83 20.67 -14.03
N ASN A 290 4.05 20.23 -15.25
CA ASN A 290 3.44 19.03 -15.74
C ASN A 290 4.31 17.81 -15.47
N PRO A 291 3.85 16.90 -14.62
CA PRO A 291 4.67 15.77 -14.20
C PRO A 291 5.27 15.01 -15.34
N GLU A 292 4.57 14.90 -16.47
CA GLU A 292 5.04 14.04 -17.56
C GLU A 292 6.15 14.71 -18.33
N GLU A 293 6.30 16.01 -18.17
CA GLU A 293 7.41 16.68 -18.77
C GLU A 293 8.67 16.69 -17.88
N ARG A 294 8.60 16.11 -16.68
CA ARG A 294 9.77 16.04 -15.79
C ARG A 294 10.67 14.93 -16.26
N LEU A 295 11.96 15.11 -16.09
CA LEU A 295 12.97 14.07 -16.29
C LEU A 295 12.73 12.83 -15.43
N SER A 296 13.19 11.67 -15.91
CA SER A 296 13.23 10.48 -15.07
C SER A 296 14.47 10.55 -14.19
N ILE A 297 14.53 9.72 -13.17
CA ILE A 297 15.69 9.69 -12.30
C ILE A 297 16.94 9.20 -13.06
N ALA A 298 16.76 8.31 -14.04
CA ALA A 298 17.91 7.88 -14.87
C ALA A 298 18.57 9.04 -15.63
N GLU A 299 17.75 9.93 -16.16
CA GLU A 299 18.22 11.11 -16.88
C GLU A 299 18.88 12.08 -15.94
N VAL A 300 18.29 12.23 -14.75
CA VAL A 300 18.83 13.12 -13.75
C VAL A 300 20.21 12.66 -13.37
N VAL A 301 20.34 11.37 -13.07
CA VAL A 301 21.64 10.82 -12.69
C VAL A 301 22.67 10.94 -13.82
N HIS A 302 22.24 10.67 -15.07
CA HIS A 302 23.09 10.83 -16.21
C HIS A 302 23.65 12.25 -16.34
N GLN A 303 22.77 13.25 -16.22
CA GLN A 303 23.21 14.63 -16.30
C GLN A 303 24.17 14.99 -15.17
N LEU A 304 23.90 14.50 -13.96
CA LEU A 304 24.83 14.78 -12.84
C LEU A 304 26.17 14.14 -13.08
N GLN A 305 26.20 12.95 -13.68
CA GLN A 305 27.49 12.29 -13.98
C GLN A 305 28.27 13.09 -15.00
N GLU A 306 27.60 13.59 -16.03
CA GLU A 306 28.27 14.47 -17.00
C GLU A 306 28.82 15.73 -16.35
N ILE A 307 28.00 16.35 -15.51
CA ILE A 307 28.47 17.51 -14.77
C ILE A 307 29.69 17.17 -13.96
N ALA A 308 29.65 16.03 -13.27
CA ALA A 308 30.79 15.60 -12.46
C ALA A 308 32.06 15.41 -13.28
N ALA A 309 31.94 14.72 -14.41
CA ALA A 309 33.12 14.41 -15.24
C ALA A 309 33.76 15.71 -15.77
N ALA A 310 32.93 16.70 -16.11
CA ALA A 310 33.44 18.02 -16.57
C ALA A 310 34.05 18.86 -15.47
N ARG A 311 33.85 18.47 -14.22
CA ARG A 311 34.45 19.19 -13.06
C ARG A 311 35.57 18.41 -12.38
N ASN A 312 35.94 17.30 -12.99
CA ASN A 312 36.87 16.38 -12.40
C ASN A 312 36.50 15.84 -10.99
N VAL A 313 35.24 15.51 -10.82
CA VAL A 313 34.74 15.06 -9.52
C VAL A 313 34.21 13.67 -9.63
N ASN A 314 34.56 12.83 -8.66
CA ASN A 314 33.92 11.55 -8.48
C ASN A 314 32.76 11.82 -7.50
N PRO A 315 31.56 11.86 -8.02
CA PRO A 315 30.47 12.34 -7.23
C PRO A 315 29.99 11.36 -6.12
N LYS A 316 30.50 10.13 -6.13
CA LYS A 316 30.25 9.13 -5.07
C LYS A 316 31.14 9.32 -3.87
N SER A 317 32.18 10.13 -3.97
CA SER A 317 33.22 10.15 -2.95
C SER A 317 32.79 10.96 -1.71
N PRO A 318 33.51 10.79 -0.61
CA PRO A 318 33.18 11.51 0.62
C PRO A 318 33.07 13.01 0.44
N ILE A 319 32.13 13.62 1.14
CA ILE A 319 31.90 15.04 1.04
C ILE A 319 32.74 15.65 2.17
N THR A 320 34.02 15.82 1.92
CA THR A 320 34.99 16.14 2.97
C THR A 320 34.74 17.51 3.64
N GLU A 321 34.30 18.47 2.86
CA GLU A 321 33.98 19.78 3.38
C GLU A 321 32.86 19.79 4.45
N LEU A 322 31.99 18.79 4.46
CA LEU A 322 30.99 18.66 5.53
C LEU A 322 31.54 17.89 6.71
N LEU A 323 32.49 17.02 6.40
CA LEU A 323 32.95 16.02 7.34
C LEU A 323 33.98 16.59 8.30
N GLU A 324 34.50 17.78 8.01
CA GLU A 324 35.36 18.46 8.98
C GLU A 324 34.56 19.33 10.00
N GLN A 325 33.21 19.23 9.96
CA GLN A 325 32.29 20.01 10.87
C GLN A 325 31.59 19.11 11.91
N SER B 17 -19.14 10.00 -23.73
CA SER B 17 -18.91 8.53 -23.69
C SER B 17 -19.97 7.81 -24.53
N ASP B 18 -19.51 7.04 -25.53
CA ASP B 18 -20.32 6.02 -26.21
C ASP B 18 -19.38 4.86 -26.52
N PHE B 19 -18.90 4.24 -25.45
CA PHE B 19 -18.06 3.07 -25.51
C PHE B 19 -18.95 1.90 -25.93
N VAL B 20 -20.21 1.96 -25.50
CA VAL B 20 -21.21 0.99 -25.92
C VAL B 20 -21.30 1.00 -27.44
N GLY B 21 -21.29 -0.18 -28.04
CA GLY B 21 -21.33 -0.32 -29.51
C GLY B 21 -19.96 -0.60 -30.13
N GLN B 22 -18.89 -0.22 -29.44
CA GLN B 22 -17.55 -0.43 -29.97
C GLN B 22 -17.12 -1.87 -29.89
N THR B 23 -16.04 -2.17 -30.61
CA THR B 23 -15.40 -3.47 -30.53
C THR B 23 -13.99 -3.26 -30.02
N VAL B 24 -13.55 -4.11 -29.10
CA VAL B 24 -12.29 -3.91 -28.43
C VAL B 24 -11.48 -5.20 -28.56
N GLU B 25 -10.23 -5.08 -28.97
CA GLU B 25 -9.36 -6.25 -29.09
C GLU B 25 -8.51 -6.43 -27.83
N LEU B 26 -8.56 -7.64 -27.25
CA LEU B 26 -7.72 -8.03 -26.10
C LEU B 26 -7.07 -9.37 -26.41
N GLY B 27 -5.79 -9.34 -26.77
CA GLY B 27 -5.10 -10.54 -27.26
C GLY B 27 -5.85 -11.09 -28.45
N GLU B 28 -6.25 -12.35 -28.36
CA GLU B 28 -7.01 -13.00 -29.43
C GLU B 28 -8.55 -12.78 -29.31
N LEU B 29 -9.04 -12.11 -28.25
CA LEU B 29 -10.47 -11.76 -28.14
C LEU B 29 -10.84 -10.50 -28.92
N ARG B 30 -12.04 -10.53 -29.53
CA ARG B 30 -12.63 -9.39 -30.20
C ARG B 30 -13.99 -9.16 -29.54
N LEU B 31 -14.05 -8.15 -28.70
CA LEU B 31 -15.18 -7.99 -27.79
C LEU B 31 -16.13 -6.87 -28.22
N ARG B 32 -17.36 -7.24 -28.56
CA ARG B 32 -18.41 -6.26 -28.78
C ARG B 32 -18.97 -5.78 -27.41
N VAL B 33 -18.93 -4.46 -27.21
CA VAL B 33 -19.38 -3.85 -25.96
C VAL B 33 -20.88 -3.64 -26.02
N ARG B 34 -21.64 -4.49 -25.31
CA ARG B 34 -23.10 -4.54 -25.46
C ARG B 34 -23.88 -3.50 -24.67
N ARG B 35 -23.48 -3.21 -23.43
CA ARG B 35 -24.18 -2.21 -22.61
C ARG B 35 -23.45 -1.95 -21.32
N VAL B 36 -23.87 -0.89 -20.62
CA VAL B 36 -23.32 -0.56 -19.30
C VAL B 36 -23.99 -1.40 -18.25
N LEU B 37 -23.20 -1.95 -17.32
CA LEU B 37 -23.73 -2.69 -16.17
C LEU B 37 -23.63 -1.88 -14.88
N ALA B 38 -22.58 -1.06 -14.76
CA ALA B 38 -22.29 -0.30 -13.53
C ALA B 38 -21.32 0.86 -13.82
N GLU B 39 -21.35 1.88 -12.96
CA GLU B 39 -20.50 3.05 -13.12
C GLU B 39 -20.21 3.64 -11.74
N GLY B 40 -19.47 4.75 -11.70
CA GLY B 40 -19.15 5.41 -10.43
C GLY B 40 -17.90 6.28 -10.43
N GLY B 41 -16.92 5.94 -9.58
CA GLY B 41 -15.71 6.76 -9.39
C GLY B 41 -14.67 6.66 -10.51
N PHE B 42 -13.69 5.76 -10.36
CA PHE B 42 -12.61 5.55 -11.36
C PHE B 42 -13.13 5.02 -12.72
N ALA B 43 -14.30 4.36 -12.72
CA ALA B 43 -14.57 3.31 -13.71
C ALA B 43 -16.04 3.05 -14.08
N PHE B 44 -16.23 2.50 -15.27
CA PHE B 44 -17.49 1.92 -15.73
C PHE B 44 -17.27 0.43 -15.96
N VAL B 45 -18.35 -0.34 -15.82
CA VAL B 45 -18.34 -1.78 -16.13
C VAL B 45 -19.39 -2.07 -17.20
N TYR B 46 -18.98 -2.85 -18.21
CA TYR B 46 -19.82 -3.18 -19.36
C TYR B 46 -20.00 -4.69 -19.53
N GLU B 47 -21.08 -5.05 -20.21
CA GLU B 47 -21.24 -6.39 -20.71
C GLU B 47 -20.56 -6.46 -22.06
N ALA B 48 -19.71 -7.46 -22.25
CA ALA B 48 -19.03 -7.67 -23.52
C ALA B 48 -19.13 -9.09 -24.02
N GLN B 49 -19.16 -9.25 -25.35
CA GLN B 49 -19.24 -10.55 -25.97
C GLN B 49 -18.14 -10.76 -27.02
N ASP B 50 -17.42 -11.87 -26.90
CA ASP B 50 -16.38 -12.20 -27.85
C ASP B 50 -17.00 -12.70 -29.16
N VAL B 51 -16.63 -12.04 -30.26
CA VAL B 51 -17.19 -12.35 -31.59
C VAL B 51 -16.84 -13.77 -32.08
N GLY B 52 -15.59 -14.18 -31.94
CA GLY B 52 -15.19 -15.53 -32.34
C GLY B 52 -15.93 -16.64 -31.61
N SER B 53 -16.10 -16.48 -30.31
CA SER B 53 -16.49 -17.61 -29.43
C SER B 53 -17.92 -17.53 -28.90
N GLY B 54 -18.53 -16.35 -28.96
CA GLY B 54 -19.78 -16.11 -28.26
C GLY B 54 -19.70 -15.99 -26.72
N ARG B 55 -18.52 -16.15 -26.11
CA ARG B 55 -18.41 -16.06 -24.64
C ARG B 55 -18.68 -14.63 -24.17
N GLU B 56 -19.35 -14.51 -23.03
CA GLU B 56 -19.73 -13.22 -22.46
C GLU B 56 -18.87 -12.91 -21.23
N TYR B 57 -18.59 -11.62 -21.03
CA TYR B 57 -17.67 -11.18 -19.98
C TYR B 57 -18.18 -9.89 -19.35
N ALA B 58 -17.68 -9.55 -18.16
CA ALA B 58 -17.73 -8.18 -17.66
C ALA B 58 -16.44 -7.48 -18.02
N LEU B 59 -16.55 -6.28 -18.54
CA LEU B 59 -15.38 -5.48 -18.95
C LEU B 59 -15.38 -4.18 -18.18
N LYS B 60 -14.38 -3.99 -17.31
CA LYS B 60 -14.24 -2.78 -16.53
C LYS B 60 -13.23 -1.86 -17.20
N ARG B 61 -13.61 -0.60 -17.39
CA ARG B 61 -12.73 0.37 -18.06
C ARG B 61 -12.41 1.47 -17.09
N LEU B 62 -11.12 1.61 -16.75
CA LEU B 62 -10.66 2.57 -15.76
C LEU B 62 -9.76 3.58 -16.47
N LEU B 63 -10.06 4.85 -16.28
CA LEU B 63 -9.34 5.93 -16.96
C LEU B 63 -8.50 6.65 -15.95
N SER B 64 -7.30 7.04 -16.35
CA SER B 64 -6.43 7.77 -15.44
C SER B 64 -5.67 8.86 -16.15
N ASN B 65 -5.61 9.99 -15.48
CA ASN B 65 -4.83 11.14 -15.98
C ASN B 65 -3.65 11.39 -15.08
N GLU B 66 -3.39 10.50 -14.15
CA GLU B 66 -2.51 10.83 -13.07
C GLU B 66 -1.75 9.65 -12.50
N GLU B 67 -0.50 9.86 -12.06
CA GLU B 67 0.31 8.68 -11.66
C GLU B 67 -0.19 7.93 -10.38
N GLU B 68 -0.79 8.64 -9.44
CA GLU B 68 -1.34 8.03 -8.24
C GLU B 68 -2.51 7.11 -8.61
N LYS B 69 -3.32 7.54 -9.56
CA LYS B 69 -4.42 6.74 -10.05
C LYS B 69 -3.90 5.55 -10.85
N ASN B 70 -2.84 5.75 -11.63
CA ASN B 70 -2.21 4.62 -12.35
C ASN B 70 -1.85 3.53 -11.37
N ARG B 71 -1.21 3.93 -10.27
CA ARG B 71 -0.74 3.00 -9.27
C ARG B 71 -1.95 2.26 -8.65
N ALA B 72 -3.01 2.98 -8.34
CA ALA B 72 -4.19 2.34 -7.68
C ALA B 72 -4.85 1.36 -8.63
N ILE B 73 -4.94 1.72 -9.91
CA ILE B 73 -5.55 0.85 -10.89
C ILE B 73 -4.74 -0.42 -11.11
N ILE B 74 -3.44 -0.26 -11.33
CA ILE B 74 -2.58 -1.41 -11.53
C ILE B 74 -2.63 -2.31 -10.30
N GLN B 75 -2.69 -1.70 -9.11
CA GLN B 75 -2.74 -2.47 -7.89
C GLN B 75 -4.04 -3.31 -7.83
N GLU B 76 -5.14 -2.72 -8.26
CA GLU B 76 -6.42 -3.42 -8.31
C GLU B 76 -6.35 -4.60 -9.24
N VAL B 77 -5.78 -4.39 -10.43
CA VAL B 77 -5.62 -5.48 -11.37
C VAL B 77 -4.77 -6.60 -10.79
N CYS B 78 -3.68 -6.25 -10.11
CA CYS B 78 -2.84 -7.30 -9.51
C CYS B 78 -3.59 -8.12 -8.45
N PHE B 79 -4.40 -7.46 -7.64
CA PHE B 79 -5.19 -8.18 -6.66
C PHE B 79 -6.24 -9.07 -7.32
N LYS B 81 -6.08 -10.46 -10.19
CA LYS B 81 -5.37 -11.64 -10.75
C LYS B 81 -4.90 -12.60 -9.66
N LYS B 82 -4.35 -12.05 -8.58
CA LYS B 82 -3.88 -12.87 -7.51
C LYS B 82 -5.04 -13.70 -6.85
N LEU B 83 -6.19 -13.09 -6.65
CA LEU B 83 -7.28 -13.74 -5.92
C LEU B 83 -8.16 -14.63 -6.81
N SER B 84 -8.12 -14.45 -8.12
CA SER B 84 -8.87 -15.29 -9.04
C SER B 84 -8.56 -16.76 -8.81
N GLY B 85 -9.55 -17.61 -9.02
CA GLY B 85 -9.30 -19.06 -8.82
C GLY B 85 -10.15 -19.54 -7.63
N HIS B 86 -10.47 -18.67 -6.67
CA HIS B 86 -11.37 -19.05 -5.59
C HIS B 86 -12.86 -19.10 -6.05
N PRO B 87 -13.64 -20.02 -5.54
CA PRO B 87 -15.02 -20.14 -6.05
C PRO B 87 -15.92 -18.95 -5.67
N ASN B 88 -15.54 -18.17 -4.66
CA ASN B 88 -16.32 -16.99 -4.31
C ASN B 88 -15.68 -15.65 -4.68
N ILE B 89 -14.76 -15.69 -5.61
CA ILE B 89 -14.13 -14.49 -6.19
C ILE B 89 -14.43 -14.48 -7.68
N VAL B 90 -14.74 -13.32 -8.27
CA VAL B 90 -14.95 -13.33 -9.75
C VAL B 90 -13.66 -13.79 -10.47
N GLN B 91 -13.83 -14.50 -11.58
CA GLN B 91 -12.71 -15.03 -12.27
C GLN B 91 -12.08 -13.93 -13.15
N PHE B 92 -10.79 -13.73 -12.99
CA PHE B 92 -10.00 -12.81 -13.83
C PHE B 92 -9.77 -13.49 -15.19
N CYS B 93 -10.05 -12.82 -16.28
CA CYS B 93 -9.86 -13.41 -17.63
C CYS B 93 -8.69 -12.75 -18.32
N SER B 94 -8.66 -11.41 -18.33
CA SER B 94 -7.53 -10.70 -19.00
C SER B 94 -7.51 -9.22 -18.65
N ALA B 95 -6.40 -8.57 -18.95
CA ALA B 95 -6.29 -7.13 -18.77
C ALA B 95 -5.44 -6.53 -19.90
N ALA B 96 -5.65 -5.25 -20.19
CA ALA B 96 -4.83 -4.51 -21.13
C ALA B 96 -4.86 -3.04 -20.81
N SER B 97 -3.95 -2.31 -21.43
CA SER B 97 -3.80 -0.86 -21.22
C SER B 97 -3.56 -0.14 -22.53
N ILE B 98 -4.12 1.06 -22.63
CA ILE B 98 -3.91 1.94 -23.75
C ILE B 98 -3.22 3.19 -23.19
N GLY B 99 -2.04 3.52 -23.73
CA GLY B 99 -1.33 4.76 -23.39
C GLY B 99 -2.18 6.00 -23.69
N LYS B 100 -1.93 7.06 -22.93
CA LYS B 100 -2.64 8.36 -23.04
C LYS B 100 -2.78 8.91 -24.48
N GLU B 101 -1.68 8.88 -25.22
CA GLU B 101 -1.66 9.40 -26.60
C GLU B 101 -2.41 8.48 -27.58
N GLU B 102 -2.24 7.16 -27.44
CA GLU B 102 -2.90 6.23 -28.34
C GLU B 102 -4.38 6.01 -27.97
N SER B 103 -4.83 6.58 -26.85
CA SER B 103 -6.21 6.41 -26.42
C SER B 103 -7.13 7.49 -26.94
N ASP B 104 -8.40 7.13 -27.11
CA ASP B 104 -9.44 8.04 -27.55
C ASP B 104 -9.92 9.01 -26.46
N THR B 105 -9.47 8.81 -25.22
CA THR B 105 -9.91 9.67 -24.13
C THR B 105 -8.90 10.79 -23.88
N GLY B 106 -7.69 10.66 -24.42
CA GLY B 106 -6.56 11.48 -24.00
C GLY B 106 -6.14 11.16 -22.58
N GLN B 107 -6.46 9.95 -22.12
CA GLN B 107 -6.07 9.48 -20.79
C GLN B 107 -5.52 8.06 -20.84
N ALA B 108 -4.78 7.67 -19.81
CA ALA B 108 -4.40 6.28 -19.73
C ALA B 108 -5.72 5.50 -19.56
N GLU B 109 -5.82 4.36 -20.24
CA GLU B 109 -7.02 3.59 -20.28
C GLU B 109 -6.65 2.18 -19.90
N PHE B 110 -7.34 1.63 -18.91
CA PHE B 110 -7.09 0.25 -18.45
C PHE B 110 -8.37 -0.55 -18.60
N LEU B 111 -8.23 -1.76 -19.13
CA LEU B 111 -9.34 -2.62 -19.44
C LEU B 111 -9.14 -3.89 -18.66
N LEU B 112 -10.14 -4.23 -17.85
CA LEU B 112 -10.05 -5.42 -16.98
CA LEU B 112 -10.08 -5.38 -16.97
C LEU B 112 -11.24 -6.31 -17.31
N LEU B 113 -10.92 -7.49 -17.81
CA LEU B 113 -11.94 -8.43 -18.28
C LEU B 113 -12.13 -9.57 -17.26
N THR B 114 -13.37 -9.76 -16.82
CA THR B 114 -13.68 -10.84 -15.85
C THR B 114 -14.94 -11.58 -16.21
N GLU B 115 -15.18 -12.65 -15.46
CA GLU B 115 -16.40 -13.44 -15.54
C GLU B 115 -17.62 -12.51 -15.43
N LEU B 116 -18.64 -12.80 -16.20
CA LEU B 116 -19.88 -12.08 -16.11
C LEU B 116 -20.77 -12.78 -15.10
N CYS B 117 -21.24 -12.05 -14.11
CA CYS B 117 -22.16 -12.64 -13.14
C CYS B 117 -23.61 -12.38 -13.52
N LYS B 118 -24.52 -12.93 -12.74
CA LYS B 118 -25.95 -12.77 -13.00
C LYS B 118 -26.37 -11.33 -12.67
N GLY B 119 -25.77 -10.74 -11.64
CA GLY B 119 -26.10 -9.39 -11.23
C GLY B 119 -25.63 -9.15 -9.79
N GLN B 120 -26.00 -7.99 -9.24
CA GLN B 120 -25.64 -7.59 -7.91
C GLN B 120 -26.54 -8.22 -6.92
N LEU B 121 -25.94 -8.73 -5.86
CA LEU B 121 -26.74 -9.46 -4.86
C LEU B 121 -27.95 -8.67 -4.38
N VAL B 122 -27.75 -7.37 -4.13
CA VAL B 122 -28.85 -6.57 -3.55
C VAL B 122 -30.06 -6.46 -4.46
N GLU B 123 -29.85 -6.56 -5.77
CA GLU B 123 -30.99 -6.57 -6.68
C GLU B 123 -31.84 -7.75 -6.45
N PHE B 124 -31.23 -8.90 -6.18
CA PHE B 124 -32.01 -10.11 -5.88
C PHE B 124 -32.64 -10.09 -4.49
N LEU B 125 -31.98 -9.48 -3.53
CA LEU B 125 -32.57 -9.32 -2.23
C LEU B 125 -33.83 -8.39 -2.26
N LYS B 126 -33.78 -7.30 -3.02
CA LYS B 126 -34.97 -6.40 -3.20
C LYS B 126 -36.24 -7.14 -3.59
N LYS B 127 -36.10 -8.08 -4.52
CA LYS B 127 -37.21 -8.91 -4.94
C LYS B 127 -37.92 -9.64 -3.78
N GLU B 129 -38.26 -8.45 -0.70
CA GLU B 129 -38.80 -7.55 0.34
C GLU B 129 -40.30 -7.64 0.51
N SER B 130 -41.00 -7.80 -0.62
CA SER B 130 -42.45 -7.94 -0.68
C SER B 130 -42.88 -9.30 -0.11
N ARG B 131 -42.03 -10.30 -0.17
CA ARG B 131 -42.41 -11.70 0.21
C ARG B 131 -42.21 -11.96 1.74
N GLY B 132 -41.05 -11.65 2.28
CA GLY B 132 -40.89 -11.65 3.74
C GLY B 132 -39.41 -11.76 4.07
N PRO B 133 -39.06 -11.84 5.34
CA PRO B 133 -37.66 -11.86 5.74
C PRO B 133 -36.93 -13.04 5.12
N LEU B 134 -35.64 -12.92 4.88
CA LEU B 134 -34.87 -14.08 4.34
C LEU B 134 -34.87 -15.25 5.33
N SER B 135 -34.90 -16.50 4.84
CA SER B 135 -34.76 -17.67 5.76
C SER B 135 -33.37 -17.67 6.38
N CYS B 136 -33.21 -18.25 7.56
CA CYS B 136 -31.87 -18.37 8.15
C CYS B 136 -30.94 -19.09 7.20
N ASP B 137 -31.46 -20.09 6.45
CA ASP B 137 -30.56 -20.89 5.56
C ASP B 137 -30.02 -20.05 4.41
N THR B 138 -30.83 -19.13 3.91
CA THR B 138 -30.39 -18.22 2.85
C THR B 138 -29.33 -17.25 3.34
N VAL B 139 -29.58 -16.65 4.50
CA VAL B 139 -28.59 -15.82 5.13
C VAL B 139 -27.31 -16.58 5.31
N LEU B 140 -27.42 -17.79 5.87
CA LEU B 140 -26.26 -18.64 6.09
C LEU B 140 -25.41 -18.84 4.84
N LYS B 141 -26.04 -19.14 3.72
CA LYS B 141 -25.28 -19.37 2.51
C LYS B 141 -24.67 -18.12 1.94
N ILE B 142 -25.42 -17.02 1.97
CA ILE B 142 -24.87 -15.75 1.48
C ILE B 142 -23.64 -15.42 2.32
N PHE B 143 -23.79 -15.49 3.64
CA PHE B 143 -22.77 -14.98 4.52
C PHE B 143 -21.57 -15.89 4.54
N TYR B 144 -21.82 -17.21 4.58
CA TYR B 144 -20.71 -18.19 4.45
C TYR B 144 -19.87 -17.98 3.20
N GLN B 145 -20.52 -17.78 2.06
CA GLN B 145 -19.81 -17.68 0.82
C GLN B 145 -19.04 -16.38 0.78
N THR B 146 -19.62 -15.30 1.32
CA THR B 146 -18.89 -14.06 1.45
C THR B 146 -17.68 -14.21 2.33
N CYS B 147 -17.86 -14.79 3.49
CA CYS B 147 -16.76 -14.95 4.47
C CYS B 147 -15.67 -15.89 3.95
N ARG B 148 -16.07 -16.86 3.10
CA ARG B 148 -15.05 -17.72 2.49
C ARG B 148 -14.12 -16.97 1.53
N ALA B 149 -14.68 -16.03 0.79
CA ALA B 149 -13.89 -15.15 -0.07
C ALA B 149 -12.94 -14.34 0.77
N VAL B 150 -13.44 -13.76 1.83
CA VAL B 150 -12.61 -12.91 2.70
C VAL B 150 -11.52 -13.75 3.35
N GLN B 151 -11.88 -14.98 3.74
CA GLN B 151 -10.88 -15.90 4.26
C GLN B 151 -9.71 -16.14 3.34
N HIS B 152 -10.01 -16.35 2.07
CA HIS B 152 -8.98 -16.56 1.06
C HIS B 152 -8.07 -15.34 0.97
N HIS B 154 -7.51 -13.08 3.59
CA HIS B 154 -6.79 -12.97 4.85
C HIS B 154 -5.74 -14.07 5.07
N ARG B 155 -5.91 -15.18 4.38
CA ARG B 155 -4.95 -16.28 4.48
C ARG B 155 -3.74 -16.14 3.58
N GLN B 156 -3.75 -15.22 2.64
CA GLN B 156 -2.55 -14.98 1.88
C GLN B 156 -1.39 -14.56 2.82
N LYS B 157 -0.16 -14.69 2.32
CA LYS B 157 1.07 -14.44 3.08
C LYS B 157 1.85 -13.44 2.29
N PRO B 158 1.78 -12.15 2.65
CA PRO B 158 1.04 -11.55 3.76
C PRO B 158 -0.46 -11.37 3.46
N PRO B 159 -1.28 -11.13 4.50
CA PRO B 159 -2.75 -11.09 4.25
C PRO B 159 -3.13 -9.93 3.34
N ILE B 160 -4.18 -10.10 2.55
CA ILE B 160 -4.72 -9.04 1.74
C ILE B 160 -5.98 -8.59 2.43
N ILE B 161 -6.06 -7.27 2.70
CA ILE B 161 -7.13 -6.68 3.48
C ILE B 161 -8.02 -5.97 2.50
N HIS B 162 -9.31 -6.24 2.54
CA HIS B 162 -10.24 -5.71 1.53
C HIS B 162 -10.51 -4.19 1.70
N ARG B 163 -10.89 -3.83 2.93
CA ARG B 163 -11.16 -2.46 3.40
C ARG B 163 -12.43 -1.84 2.91
N ASP B 164 -13.20 -2.49 2.05
CA ASP B 164 -14.43 -1.85 1.58
C ASP B 164 -15.56 -2.85 1.47
N LEU B 165 -15.64 -3.78 2.43
CA LEU B 165 -16.65 -4.84 2.32
C LEU B 165 -18.04 -4.22 2.57
N LYS B 166 -18.95 -4.38 1.61
CA LYS B 166 -20.30 -3.85 1.67
C LYS B 166 -21.22 -4.73 0.90
N VAL B 167 -22.46 -4.80 1.34
CA VAL B 167 -23.42 -5.69 0.74
C VAL B 167 -23.67 -5.34 -0.72
N GLU B 168 -23.70 -4.06 -1.02
CA GLU B 168 -23.96 -3.60 -2.39
C GLU B 168 -22.88 -3.93 -3.43
N ASN B 169 -21.70 -4.37 -3.01
CA ASN B 169 -20.66 -4.74 -3.94
C ASN B 169 -20.64 -6.25 -4.23
N LEU B 170 -21.39 -7.06 -3.48
CA LEU B 170 -21.40 -8.51 -3.69
C LEU B 170 -22.17 -8.84 -4.98
N LEU B 171 -21.68 -9.82 -5.72
CA LEU B 171 -22.36 -10.31 -6.91
C LEU B 171 -22.93 -11.72 -6.67
N LEU B 172 -23.96 -12.05 -7.43
CA LEU B 172 -24.46 -13.41 -7.53
C LEU B 172 -24.06 -13.98 -8.90
N SER B 173 -23.40 -15.13 -8.89
CA SER B 173 -22.92 -15.75 -10.11
C SER B 173 -24.09 -16.40 -10.83
N ASN B 174 -23.81 -16.83 -12.07
CA ASN B 174 -24.78 -17.60 -12.83
C ASN B 174 -25.14 -18.92 -12.18
N GLN B 175 -24.29 -19.44 -11.30
CA GLN B 175 -24.66 -20.69 -10.58
C GLN B 175 -25.36 -20.37 -9.26
N GLY B 176 -25.64 -19.10 -8.96
CA GLY B 176 -26.36 -18.78 -7.71
C GLY B 176 -25.44 -18.81 -6.50
N THR B 177 -24.18 -18.49 -6.68
CA THR B 177 -23.22 -18.35 -5.54
C THR B 177 -22.66 -16.94 -5.44
N ILE B 178 -22.15 -16.58 -4.27
CA ILE B 178 -21.69 -15.18 -4.07
C ILE B 178 -20.33 -15.04 -4.68
N LYS B 179 -20.08 -13.91 -5.30
CA LYS B 179 -18.72 -13.60 -5.79
C LYS B 179 -18.31 -12.17 -5.36
N LEU B 180 -17.08 -12.02 -4.85
CA LEU B 180 -16.45 -10.70 -4.56
C LEU B 180 -15.72 -10.22 -5.76
N CYS B 181 -15.77 -8.92 -6.04
CA CYS B 181 -15.17 -8.38 -7.23
C CYS B 181 -14.50 -7.00 -7.12
N ASP B 182 -14.54 -6.33 -5.96
CA ASP B 182 -14.19 -4.93 -5.80
CA ASP B 182 -14.04 -4.91 -5.91
C ASP B 182 -12.89 -4.74 -4.96
N PHE B 183 -11.72 -4.84 -5.57
CA PHE B 183 -10.47 -4.84 -4.88
C PHE B 183 -9.72 -3.53 -5.04
N GLY B 184 -10.47 -2.48 -5.35
CA GLY B 184 -9.98 -1.12 -5.52
C GLY B 184 -9.54 -0.50 -4.23
N SER B 185 -9.97 -1.00 -3.07
CA SER B 185 -9.53 -0.39 -1.83
C SER B 185 -8.62 -1.31 -1.03
N ALA B 186 -8.33 -2.47 -1.60
CA ALA B 186 -7.58 -3.48 -0.87
C ALA B 186 -6.14 -3.04 -0.68
N THR B 187 -5.49 -3.61 0.33
CA THR B 187 -4.07 -3.33 0.55
C THR B 187 -3.41 -4.56 1.20
N THR B 188 -2.09 -4.58 1.19
CA THR B 188 -1.31 -5.63 1.85
C THR B 188 0.07 -5.02 2.19
N ILE B 189 1.05 -5.84 2.52
CA ILE B 189 2.42 -5.40 2.71
C ILE B 189 3.26 -5.89 1.52
N SER B 190 3.94 -4.97 0.86
CA SER B 190 4.91 -5.33 -0.17
C SER B 190 6.27 -5.70 0.42
N HIS B 191 6.97 -6.60 -0.28
CA HIS B 191 8.36 -6.99 -0.01
C HIS B 191 8.40 -7.66 1.33
N TYR B 192 7.36 -8.45 1.58
CA TYR B 192 7.30 -9.27 2.75
C TYR B 192 8.23 -10.41 2.43
N PRO B 193 9.12 -10.77 3.38
CA PRO B 193 9.97 -11.92 3.07
C PRO B 193 9.11 -13.20 3.10
N ASP B 194 8.58 -13.53 1.91
CA ASP B 194 7.58 -14.59 1.73
C ASP B 194 6.38 -14.43 2.68
N THR B 219 12.35 -10.32 26.62
CA THR B 219 13.15 -9.88 25.47
C THR B 219 12.28 -9.87 24.19
N PRO B 220 12.54 -8.90 23.29
CA PRO B 220 11.77 -8.81 22.04
C PRO B 220 11.98 -9.99 21.08
N GLU B 221 10.96 -10.23 20.27
CA GLU B 221 11.00 -11.32 19.31
C GLU B 221 11.46 -10.78 17.95
N ILE B 222 12.57 -11.30 17.42
CA ILE B 222 13.04 -10.95 16.08
C ILE B 222 11.89 -11.21 15.10
N ILE B 223 11.69 -10.29 14.15
CA ILE B 223 10.56 -10.36 13.20
C ILE B 223 10.81 -11.47 12.17
N ASP B 224 9.88 -12.44 12.12
CA ASP B 224 9.93 -13.55 11.15
C ASP B 224 8.75 -13.49 10.17
N LEU B 225 8.93 -14.11 8.99
CA LEU B 225 7.80 -14.34 8.06
C LEU B 225 6.68 -15.10 8.79
N TYR B 226 6.95 -15.47 10.04
CA TYR B 226 5.93 -15.94 11.01
C TYR B 226 5.35 -14.85 11.97
N SER B 227 5.03 -13.65 11.46
CA SER B 227 4.41 -12.51 12.24
C SER B 227 2.88 -12.64 12.59
N ASN B 228 2.50 -12.20 13.80
CA ASN B 228 1.13 -12.30 14.33
C ASN B 228 0.63 -10.98 14.86
N PHE B 229 0.66 -9.97 14.00
CA PHE B 229 0.07 -8.70 14.28
C PHE B 229 -1.05 -8.58 13.29
N PRO B 230 -2.19 -8.12 13.75
CA PRO B 230 -3.22 -7.75 12.82
C PRO B 230 -2.77 -6.51 12.00
N ILE B 231 -3.13 -6.47 10.70
CA ILE B 231 -2.74 -5.37 9.83
C ILE B 231 -3.95 -4.84 9.09
N GLY B 232 -5.15 -5.08 9.62
CA GLY B 232 -6.39 -4.59 8.97
C GLY B 232 -7.52 -5.61 8.95
N GLU B 233 -7.24 -6.87 9.29
CA GLU B 233 -8.24 -7.88 9.27
C GLU B 233 -9.43 -7.52 10.10
N LYS B 234 -9.19 -6.92 11.26
CA LYS B 234 -10.23 -6.70 12.21
C LYS B 234 -11.28 -5.73 11.72
N GLN B 235 -10.89 -4.78 10.92
CA GLN B 235 -11.86 -3.88 10.31
C GLN B 235 -12.70 -4.62 9.23
N ASP B 236 -12.09 -5.55 8.51
CA ASP B 236 -12.89 -6.38 7.58
C ASP B 236 -13.90 -7.20 8.39
N ILE B 237 -13.51 -7.71 9.54
CA ILE B 237 -14.45 -8.49 10.38
C ILE B 237 -15.65 -7.65 10.85
N TRP B 238 -15.37 -6.43 11.26
CA TRP B 238 -16.44 -5.50 11.60
C TRP B 238 -17.39 -5.24 10.43
N ALA B 239 -16.83 -4.96 9.27
CA ALA B 239 -17.65 -4.73 8.09
C ALA B 239 -18.53 -5.96 7.72
N LEU B 240 -17.99 -7.15 7.89
CA LEU B 240 -18.75 -8.36 7.66
C LEU B 240 -19.88 -8.55 8.66
N GLY B 241 -19.61 -8.21 9.92
CA GLY B 241 -20.63 -8.21 10.97
C GLY B 241 -21.78 -7.31 10.64
N CYS B 242 -21.50 -6.14 10.05
CA CYS B 242 -22.54 -5.23 9.59
C CYS B 242 -23.38 -5.84 8.45
N ILE B 243 -22.73 -6.55 7.55
CA ILE B 243 -23.43 -7.31 6.50
C ILE B 243 -24.37 -8.37 7.08
N LEU B 244 -23.89 -9.17 8.03
CA LEU B 244 -24.70 -10.15 8.65
C LEU B 244 -25.91 -9.51 9.33
N TYR B 245 -25.68 -8.48 10.11
CA TYR B 245 -26.74 -7.78 10.78
C TYR B 245 -27.80 -7.33 9.76
N LEU B 246 -27.35 -6.70 8.70
CA LEU B 246 -28.24 -6.18 7.66
C LEU B 246 -29.03 -7.29 6.94
N LEU B 247 -28.37 -8.42 6.67
CA LEU B 247 -29.06 -9.53 6.03
C LEU B 247 -30.20 -10.07 6.92
N CYS B 248 -29.98 -10.15 8.23
CA CYS B 248 -30.99 -10.64 9.16
C CYS B 248 -32.10 -9.63 9.41
N PHE B 249 -31.71 -8.44 9.78
CA PHE B 249 -32.64 -7.45 10.33
C PHE B 249 -33.03 -6.38 9.36
N ARG B 250 -32.32 -6.25 8.24
CA ARG B 250 -32.77 -5.39 7.12
C ARG B 250 -32.77 -3.92 7.52
N GLN B 251 -31.95 -3.59 8.51
CA GLN B 251 -31.65 -2.25 8.92
C GLN B 251 -30.20 -2.21 9.23
N HIS B 252 -29.66 -1.04 9.12
CA HIS B 252 -28.24 -0.85 9.32
C HIS B 252 -27.99 -0.76 10.83
N PRO B 253 -26.90 -1.36 11.31
CA PRO B 253 -26.73 -1.42 12.77
C PRO B 253 -26.26 -0.13 13.44
N PHE B 254 -25.61 0.77 12.74
CA PHE B 254 -25.13 1.99 13.41
C PHE B 254 -25.72 3.27 12.80
N GLU B 255 -26.42 4.03 13.63
CA GLU B 255 -27.24 5.16 13.19
C GLU B 255 -27.32 6.27 14.21
N SER B 268 -27.63 -2.48 18.59
CA SER B 268 -27.79 -3.76 19.22
C SER B 268 -28.82 -4.63 18.46
N ILE B 269 -28.78 -5.91 18.78
CA ILE B 269 -29.67 -6.88 18.19
C ILE B 269 -31.08 -6.51 18.61
N PRO B 270 -32.03 -6.53 17.67
CA PRO B 270 -33.42 -6.20 18.03
C PRO B 270 -33.98 -7.09 19.11
N PRO B 271 -34.45 -6.47 20.22
CA PRO B 271 -34.80 -7.23 21.43
C PRO B 271 -35.85 -8.27 21.23
N HIS B 272 -36.72 -8.09 20.24
CA HIS B 272 -37.80 -9.06 20.04
C HIS B 272 -37.52 -10.11 18.95
N ASP B 273 -36.33 -10.10 18.36
CA ASP B 273 -36.02 -11.15 17.38
C ASP B 273 -36.00 -12.56 17.94
N THR B 274 -36.78 -13.45 17.33
CA THR B 274 -36.62 -14.89 17.55
C THR B 274 -36.38 -15.67 16.28
N GLN B 275 -36.31 -15.02 15.13
CA GLN B 275 -36.01 -15.75 13.88
C GLN B 275 -34.50 -16.03 13.63
N TYR B 276 -33.64 -15.10 14.02
CA TYR B 276 -32.20 -15.15 13.61
C TYR B 276 -31.30 -15.43 14.79
N THR B 277 -31.89 -15.97 15.83
CA THR B 277 -31.17 -16.33 17.07
C THR B 277 -29.87 -17.11 16.81
N VAL B 278 -29.89 -17.93 15.78
CA VAL B 278 -28.71 -18.75 15.50
C VAL B 278 -27.51 -17.90 15.20
N PHE B 279 -27.75 -16.67 14.74
CA PHE B 279 -26.65 -15.78 14.37
C PHE B 279 -26.30 -14.73 15.45
N HIS B 280 -27.05 -14.66 16.55
CA HIS B 280 -26.84 -13.57 17.53
C HIS B 280 -25.42 -13.57 18.12
N SER B 281 -24.86 -14.72 18.51
CA SER B 281 -23.51 -14.67 19.11
C SER B 281 -22.40 -14.33 18.12
N LEU B 282 -22.51 -14.77 16.86
CA LEU B 282 -21.64 -14.33 15.86
C LEU B 282 -21.71 -12.83 15.57
N ILE B 283 -22.90 -12.29 15.40
CA ILE B 283 -23.05 -10.86 15.23
C ILE B 283 -22.32 -10.12 16.39
N ARG B 284 -22.57 -10.53 17.64
CA ARG B 284 -21.96 -9.82 18.80
C ARG B 284 -20.46 -10.01 18.81
N ALA B 285 -19.97 -11.18 18.40
CA ALA B 285 -18.56 -11.45 18.44
C ALA B 285 -17.79 -10.73 17.31
N LEU B 287 -18.95 -7.73 15.93
CA LEU B 287 -19.15 -6.29 16.16
C LEU B 287 -18.60 -5.78 17.56
N GLN B 288 -17.66 -6.47 18.16
CA GLN B 288 -16.98 -5.98 19.34
C GLN B 288 -16.32 -4.63 19.10
N VAL B 289 -16.50 -3.71 20.04
CA VAL B 289 -15.96 -2.36 19.89
C VAL B 289 -14.45 -2.38 19.84
N ASN B 290 -13.83 -3.23 20.61
CA ASN B 290 -12.39 -3.35 20.59
C ASN B 290 -11.93 -4.36 19.52
N PRO B 291 -11.16 -3.89 18.52
CA PRO B 291 -10.83 -4.73 17.38
C PRO B 291 -10.19 -6.04 17.80
N GLU B 292 -9.40 -6.02 18.85
CA GLU B 292 -8.60 -7.18 19.21
C GLU B 292 -9.45 -8.23 19.87
N GLU B 293 -10.63 -7.84 20.33
CA GLU B 293 -11.57 -8.83 20.87
C GLU B 293 -12.49 -9.46 19.78
N ARG B 294 -12.38 -9.03 18.55
CA ARG B 294 -13.19 -9.58 17.46
C ARG B 294 -12.61 -10.91 17.04
N LEU B 295 -13.48 -11.80 16.60
CA LEU B 295 -13.05 -13.06 16.01
C LEU B 295 -12.15 -12.84 14.78
N SER B 296 -11.30 -13.81 14.49
CA SER B 296 -10.63 -13.89 13.21
C SER B 296 -11.60 -14.47 12.15
N ILE B 297 -11.26 -14.34 10.89
CA ILE B 297 -12.07 -14.88 9.83
C ILE B 297 -12.10 -16.44 9.92
N ALA B 298 -11.00 -17.05 10.35
CA ALA B 298 -10.95 -18.51 10.51
C ALA B 298 -12.01 -18.98 11.53
N GLU B 299 -12.15 -18.26 12.64
CA GLU B 299 -13.13 -18.58 13.64
C GLU B 299 -14.56 -18.33 13.14
N VAL B 300 -14.75 -17.24 12.40
CA VAL B 300 -16.01 -16.93 11.80
C VAL B 300 -16.43 -18.06 10.87
N VAL B 301 -15.55 -18.45 9.97
CA VAL B 301 -15.86 -19.53 9.00
C VAL B 301 -16.11 -20.88 9.73
N HIS B 302 -15.35 -21.16 10.77
CA HIS B 302 -15.56 -22.38 11.55
C HIS B 302 -16.94 -22.38 12.18
N GLN B 303 -17.36 -21.26 12.79
CA GLN B 303 -18.62 -21.20 13.38
C GLN B 303 -19.76 -21.35 12.33
N LEU B 304 -19.61 -20.77 11.19
CA LEU B 304 -20.62 -20.86 10.15
C LEU B 304 -20.70 -22.30 9.60
N GLN B 305 -19.57 -22.98 9.52
CA GLN B 305 -19.57 -24.41 9.14
C GLN B 305 -20.30 -25.27 10.17
N GLU B 306 -20.03 -25.06 11.46
CA GLU B 306 -20.73 -25.77 12.53
CA GLU B 306 -20.72 -25.78 12.50
C GLU B 306 -22.23 -25.55 12.43
N ILE B 307 -22.65 -24.30 12.23
CA ILE B 307 -24.01 -23.96 12.13
C ILE B 307 -24.64 -24.71 10.92
N ALA B 308 -23.96 -24.64 9.79
CA ALA B 308 -24.43 -25.31 8.58
C ALA B 308 -24.59 -26.81 8.78
N ALA B 309 -23.62 -27.45 9.42
CA ALA B 309 -23.69 -28.87 9.69
C ALA B 309 -24.82 -29.19 10.60
N ALA B 310 -25.09 -28.34 11.60
CA ALA B 310 -26.19 -28.57 12.55
C ALA B 310 -27.59 -28.32 11.91
N ARG B 311 -27.65 -27.54 10.84
CA ARG B 311 -28.88 -27.21 10.15
C ARG B 311 -29.11 -28.06 8.85
N ASN B 312 -28.25 -29.04 8.62
CA ASN B 312 -28.27 -29.88 7.45
C ASN B 312 -28.14 -29.09 6.17
N VAL B 313 -27.23 -28.13 6.14
CA VAL B 313 -27.03 -27.28 5.00
C VAL B 313 -25.63 -27.41 4.49
N ASN B 314 -25.48 -27.55 3.18
CA ASN B 314 -24.20 -27.43 2.55
C ASN B 314 -24.08 -25.93 2.17
N PRO B 315 -23.25 -25.19 2.91
CA PRO B 315 -23.32 -23.74 2.80
C PRO B 315 -22.65 -23.20 1.54
N LYS B 316 -21.95 -24.06 0.80
CA LYS B 316 -21.35 -23.71 -0.46
C LYS B 316 -22.31 -23.80 -1.62
N SER B 317 -23.45 -24.41 -1.41
CA SER B 317 -24.31 -24.75 -2.55
C SER B 317 -25.08 -23.51 -3.08
N PRO B 318 -25.67 -23.64 -4.28
CA PRO B 318 -26.38 -22.52 -4.90
C PRO B 318 -27.48 -21.98 -4.01
N ILE B 319 -27.66 -20.68 -4.02
CA ILE B 319 -28.65 -20.04 -3.16
C ILE B 319 -29.92 -19.97 -4.01
N THR B 320 -30.68 -21.06 -4.03
CA THR B 320 -31.76 -21.24 -5.01
C THR B 320 -32.95 -20.28 -4.81
N GLU B 321 -33.26 -19.97 -3.60
CA GLU B 321 -34.29 -19.00 -3.30
C GLU B 321 -34.04 -17.56 -3.85
N LEU B 322 -32.79 -17.19 -4.15
CA LEU B 322 -32.50 -15.96 -4.88
C LEU B 322 -32.52 -16.18 -6.37
N LEU B 323 -32.18 -17.39 -6.78
CA LEU B 323 -31.88 -17.67 -8.18
C LEU B 323 -33.20 -17.88 -8.93
N GLU B 324 -34.32 -18.01 -8.21
CA GLU B 324 -35.64 -18.02 -8.83
C GLU B 324 -36.12 -16.63 -9.28
N GLN B 325 -35.35 -15.58 -8.95
CA GLN B 325 -35.75 -14.15 -9.12
C GLN B 325 -34.95 -13.42 -10.23
N ASN B 326 -35.25 -12.12 -10.44
CA ASN B 326 -34.54 -11.27 -11.43
C ASN B 326 -33.79 -10.05 -10.85
N GLY B 327 -32.53 -9.85 -11.26
CA GLY B 327 -31.71 -8.71 -10.81
C GLY B 327 -30.60 -8.20 -11.74
N GLY B 328 -30.58 -8.67 -12.99
CA GLY B 328 -29.54 -8.27 -13.94
C GLY B 328 -29.73 -8.91 -15.32
#